data_4PUH
#
_entry.id   4PUH
#
_cell.length_a   29.640
_cell.length_b   81.419
_cell.length_c   33.112
_cell.angle_alpha   90.00
_cell.angle_beta   108.62
_cell.angle_gamma   90.00
#
_symmetry.space_group_name_H-M   'P 1 21 1'
#
loop_
_entity.id
_entity.type
_entity.pdbx_description
1 polymer At5g09830
2 water water
#
_entity_poly.entity_id   1
_entity_poly.type   'polypeptide(L)'
_entity_poly.pdbx_seq_one_letter_code
;MVTKEQVEASLTSKLKPIHLEVIDISGGCGSSFEVEVVSEQFEGKRLLERHRMVNAALEEEMKEIHALSIKKAQTPQQWK
PPSQDSATLTKDA
;
_entity_poly.pdbx_strand_id   A,B
#
# COMPACT_ATOMS: atom_id res chain seq x y z
N VAL A 2 -4.16 -2.82 -3.22
CA VAL A 2 -4.22 -4.23 -3.61
C VAL A 2 -5.13 -5.00 -2.67
N THR A 3 -5.92 -5.90 -3.24
CA THR A 3 -6.79 -6.76 -2.45
C THR A 3 -6.50 -8.21 -2.76
N LYS A 4 -6.91 -9.10 -1.86
CA LYS A 4 -6.79 -10.53 -2.07
C LYS A 4 -7.47 -10.98 -3.35
N GLU A 5 -8.61 -10.34 -3.66
CA GLU A 5 -9.37 -10.72 -4.85
C GLU A 5 -8.58 -10.40 -6.10
N GLN A 6 -7.79 -9.32 -6.03
CA GLN A 6 -6.98 -8.88 -7.17
C GLN A 6 -5.80 -9.84 -7.35
N VAL A 7 -5.17 -10.22 -6.24
CA VAL A 7 -4.07 -11.15 -6.27
C VAL A 7 -4.57 -12.50 -6.81
N GLU A 8 -5.71 -12.93 -6.30
CA GLU A 8 -6.36 -14.16 -6.75
C GLU A 8 -6.65 -14.14 -8.24
N ALA A 9 -7.33 -13.09 -8.69
CA ALA A 9 -7.73 -12.99 -10.08
C ALA A 9 -6.51 -12.97 -11.01
N SER A 10 -5.45 -12.29 -10.60
CA SER A 10 -4.23 -12.22 -11.42
C SER A 10 -3.58 -13.60 -11.60
N LEU A 11 -3.42 -14.31 -10.49
CA LEU A 11 -2.82 -15.64 -10.55
C LEU A 11 -3.68 -16.59 -11.36
N THR A 12 -5.00 -16.54 -11.13
CA THR A 12 -5.95 -17.38 -11.84
C THR A 12 -5.85 -17.14 -13.34
N SER A 13 -5.74 -15.88 -13.72
CA SER A 13 -5.71 -15.48 -15.13
C SER A 13 -4.47 -15.96 -15.86
N LYS A 14 -3.32 -15.85 -15.19
CA LYS A 14 -2.04 -16.13 -15.81
C LYS A 14 -1.63 -17.59 -15.70
N LEU A 15 -1.97 -18.23 -14.59
CA LEU A 15 -1.46 -19.56 -14.31
C LEU A 15 -2.51 -20.67 -14.37
N LYS A 16 -3.79 -20.30 -14.53
CA LYS A 16 -4.89 -21.29 -14.59
C LYS A 16 -4.73 -22.43 -13.56
N PRO A 17 -4.54 -22.09 -12.28
CA PRO A 17 -4.17 -23.15 -11.34
C PRO A 17 -5.35 -24.08 -11.05
N ILE A 18 -5.06 -25.37 -10.87
CA ILE A 18 -6.06 -26.34 -10.44
C ILE A 18 -6.33 -26.19 -8.93
N HIS A 19 -5.34 -25.69 -8.19
CA HIS A 19 -5.58 -25.35 -6.80
C HIS A 19 -4.91 -24.00 -6.47
N LEU A 20 -5.64 -23.14 -5.79
CA LEU A 20 -5.12 -21.82 -5.46
C LEU A 20 -5.60 -21.38 -4.09
N GLU A 21 -4.67 -20.96 -3.25
CA GLU A 21 -5.04 -20.36 -1.99
C GLU A 21 -4.31 -19.04 -1.85
N VAL A 22 -5.03 -17.98 -1.48
CA VAL A 22 -4.40 -16.71 -1.24
C VAL A 22 -4.90 -16.20 0.09
N ILE A 23 -3.98 -15.87 0.98
CA ILE A 23 -4.32 -15.42 2.32
C ILE A 23 -3.70 -14.05 2.62
N ASP A 24 -4.52 -13.07 2.99
CA ASP A 24 -4.00 -11.82 3.47
C ASP A 24 -3.52 -12.05 4.90
N ILE A 25 -2.21 -12.02 5.12
CA ILE A 25 -1.71 -12.29 6.46
C ILE A 25 -1.48 -11.03 7.27
N SER A 26 -1.81 -9.88 6.70
CA SER A 26 -1.55 -8.60 7.34
C SER A 26 -2.75 -8.03 8.11
N GLY A 27 -3.70 -8.89 8.48
CA GLY A 27 -4.81 -8.44 9.30
C GLY A 27 -5.92 -7.79 8.51
N GLY A 28 -5.94 -8.01 7.20
CA GLY A 28 -6.95 -7.42 6.34
C GLY A 28 -6.46 -6.13 5.71
N CYS A 29 -5.18 -5.83 5.91
CA CYS A 29 -4.58 -4.62 5.37
C CYS A 29 -4.31 -4.73 3.86
N GLY A 30 -4.30 -5.96 3.35
CA GLY A 30 -4.07 -6.19 1.94
C GLY A 30 -2.65 -5.87 1.53
N SER A 31 -1.73 -5.98 2.48
CA SER A 31 -0.35 -5.58 2.20
C SER A 31 0.66 -6.71 2.31
N SER A 32 0.25 -7.85 2.86
CA SER A 32 1.09 -9.06 2.93
C SER A 32 0.25 -10.29 2.60
N PHE A 33 0.74 -11.15 1.71
CA PHE A 33 0.00 -12.33 1.29
C PHE A 33 0.86 -13.58 1.35
N GLU A 34 0.23 -14.70 1.71
CA GLU A 34 0.79 -16.04 1.50
C GLU A 34 0.02 -16.68 0.35
N VAL A 35 0.72 -17.36 -0.57
CA VAL A 35 0.02 -18.02 -1.66
C VAL A 35 0.45 -19.49 -1.81
N GLU A 36 -0.52 -20.31 -2.18
CA GLU A 36 -0.26 -21.69 -2.58
C GLU A 36 -0.81 -21.84 -3.98
N VAL A 37 0.05 -22.19 -4.93
CA VAL A 37 -0.36 -22.24 -6.32
C VAL A 37 0.02 -23.62 -6.89
N VAL A 38 -0.96 -24.34 -7.41
CA VAL A 38 -0.76 -25.63 -8.06
C VAL A 38 -1.15 -25.50 -9.52
N SER A 39 -0.19 -25.66 -10.43
CA SER A 39 -0.48 -25.41 -11.85
C SER A 39 0.35 -26.33 -12.75
N GLU A 40 -0.30 -26.86 -13.79
CA GLU A 40 0.38 -27.68 -14.80
C GLU A 40 1.46 -26.90 -15.53
N GLN A 41 1.36 -25.57 -15.50
CA GLN A 41 2.35 -24.72 -16.15
C GLN A 41 3.74 -24.79 -15.50
N PHE A 42 3.79 -25.31 -14.28
CA PHE A 42 5.07 -25.47 -13.57
C PHE A 42 5.83 -26.72 -14.00
N GLU A 43 5.19 -27.58 -14.76
CA GLU A 43 5.79 -28.85 -15.13
C GLU A 43 7.13 -28.67 -15.86
N GLY A 44 8.17 -29.34 -15.35
CA GLY A 44 9.47 -29.30 -15.98
C GLY A 44 10.24 -28.04 -15.63
N LYS A 45 9.67 -27.20 -14.78
CA LYS A 45 10.29 -25.94 -14.38
C LYS A 45 10.92 -26.04 -12.98
N ARG A 46 12.11 -25.48 -12.83
CA ARG A 46 12.80 -25.45 -11.55
C ARG A 46 12.18 -24.34 -10.70
N LEU A 47 12.49 -24.30 -9.41
CA LEU A 47 11.81 -23.35 -8.49
C LEU A 47 11.91 -21.89 -8.91
N LEU A 48 13.12 -21.46 -9.26
CA LEU A 48 13.36 -20.06 -9.66
C LEU A 48 12.44 -19.60 -10.80
N GLU A 49 12.24 -20.47 -11.79
CA GLU A 49 11.33 -20.17 -12.90
C GLU A 49 9.86 -20.10 -12.45
N ARG A 50 9.46 -20.98 -11.54
CA ARG A 50 8.10 -20.97 -11.01
C ARG A 50 7.81 -19.66 -10.31
N HIS A 51 8.78 -19.22 -9.53
CA HIS A 51 8.68 -17.95 -8.83
C HIS A 51 8.61 -16.79 -9.82
N ARG A 52 9.42 -16.84 -10.87
CA ARG A 52 9.39 -15.83 -11.92
C ARG A 52 8.00 -15.72 -12.53
N MET A 53 7.37 -16.87 -12.78
CA MET A 53 6.02 -16.91 -13.33
C MET A 53 4.98 -16.31 -12.37
N VAL A 54 5.14 -16.58 -11.08
CA VAL A 54 4.26 -16.03 -10.05
C VAL A 54 4.45 -14.52 -9.93
N ASN A 55 5.72 -14.09 -9.89
CA ASN A 55 6.03 -12.66 -9.83
C ASN A 55 5.51 -11.91 -11.05
N ALA A 56 5.69 -12.48 -12.23
CA ALA A 56 5.20 -11.86 -13.46
C ALA A 56 3.68 -11.70 -13.47
N ALA A 57 2.97 -12.70 -12.96
CA ALA A 57 1.52 -12.63 -12.83
C ALA A 57 1.11 -11.51 -11.87
N LEU A 58 1.95 -11.27 -10.87
CA LEU A 58 1.65 -10.29 -9.85
C LEU A 58 2.47 -9.02 -10.02
N GLU A 59 2.88 -8.71 -11.25
CA GLU A 59 3.75 -7.57 -11.49
C GLU A 59 3.23 -6.25 -10.93
N GLU A 60 1.94 -5.97 -11.06
CA GLU A 60 1.38 -4.72 -10.55
C GLU A 60 1.29 -4.74 -9.03
N GLU A 61 0.84 -5.86 -8.49
CA GLU A 61 0.68 -6.01 -7.04
C GLU A 61 2.00 -5.88 -6.29
N MET A 62 3.06 -6.45 -6.87
CA MET A 62 4.37 -6.52 -6.23
C MET A 62 4.94 -5.14 -5.99
N LYS A 63 4.43 -4.15 -6.72
CA LYS A 63 4.92 -2.80 -6.63
C LYS A 63 4.48 -2.15 -5.32
N GLU A 64 3.36 -2.61 -4.77
CA GLU A 64 2.71 -1.95 -3.64
C GLU A 64 2.86 -2.69 -2.32
N ILE A 65 2.77 -4.01 -2.38
CA ILE A 65 2.68 -4.84 -1.19
C ILE A 65 4.01 -5.00 -0.46
N HIS A 66 3.93 -5.40 0.80
CA HIS A 66 5.10 -5.45 1.67
C HIS A 66 5.73 -6.86 1.77
N ALA A 67 4.93 -7.90 1.55
CA ALA A 67 5.43 -9.28 1.60
C ALA A 67 4.61 -10.20 0.70
N LEU A 68 5.29 -11.14 0.04
CA LEU A 68 4.65 -12.19 -0.76
C LEU A 68 5.34 -13.51 -0.48
N SER A 69 4.69 -14.35 0.29
CA SER A 69 5.27 -15.61 0.73
C SER A 69 4.73 -16.72 -0.19
N ILE A 70 5.59 -17.27 -1.04
CA ILE A 70 5.15 -18.35 -1.94
C ILE A 70 5.38 -19.68 -1.23
N LYS A 71 4.36 -20.15 -0.50
CA LYS A 71 4.48 -21.34 0.33
C LYS A 71 4.56 -22.59 -0.53
N LYS A 72 3.75 -22.63 -1.58
CA LYS A 72 3.80 -23.76 -2.49
C LYS A 72 3.68 -23.30 -3.93
N ALA A 73 4.60 -23.80 -4.77
CA ALA A 73 4.47 -23.66 -6.20
C ALA A 73 4.66 -25.06 -6.78
N GLN A 74 3.56 -25.76 -6.99
CA GLN A 74 3.61 -27.19 -7.24
C GLN A 74 2.93 -27.60 -8.54
N THR A 75 3.40 -28.69 -9.13
CA THR A 75 2.64 -29.36 -10.18
C THR A 75 1.50 -30.12 -9.50
N PRO A 76 0.47 -30.51 -10.26
CA PRO A 76 -0.62 -31.27 -9.63
C PRO A 76 -0.14 -32.56 -8.99
N GLN A 77 0.88 -33.17 -9.58
CA GLN A 77 1.43 -34.41 -9.08
C GLN A 77 2.19 -34.28 -7.75
N GLN A 78 2.72 -33.09 -7.47
CA GLN A 78 3.37 -32.84 -6.19
C GLN A 78 2.32 -32.53 -5.13
N TRP A 79 1.27 -31.84 -5.57
CA TRP A 79 0.16 -31.47 -4.69
C TRP A 79 -0.57 -32.72 -4.22
N LYS A 80 -0.89 -33.61 -5.16
CA LYS A 80 -1.51 -34.89 -4.85
C LYS A 80 -0.73 -36.05 -5.46
N PRO A 81 0.24 -36.60 -4.70
CA PRO A 81 1.08 -37.70 -5.15
C PRO A 81 0.25 -38.96 -5.47
N PRO A 82 0.68 -39.74 -6.48
CA PRO A 82 0.04 -40.98 -6.92
C PRO A 82 -0.33 -41.91 -5.76
N VAL B 2 4.26 2.68 3.28
CA VAL B 2 4.11 4.00 3.90
C VAL B 2 3.74 3.88 5.37
N THR B 3 4.38 4.69 6.22
CA THR B 3 4.08 4.70 7.65
C THR B 3 3.60 6.07 8.10
N LYS B 4 2.94 6.09 9.25
CA LYS B 4 2.61 7.31 9.97
C LYS B 4 3.83 8.21 10.14
N GLU B 5 4.96 7.63 10.57
CA GLU B 5 6.17 8.42 10.79
C GLU B 5 6.71 9.02 9.49
N GLN B 6 6.55 8.30 8.39
CA GLN B 6 6.99 8.81 7.10
C GLN B 6 6.16 10.04 6.68
N VAL B 7 4.84 9.94 6.80
CA VAL B 7 3.96 11.06 6.50
C VAL B 7 4.31 12.27 7.39
N GLU B 8 4.46 12.02 8.69
CA GLU B 8 4.87 13.08 9.64
C GLU B 8 6.18 13.74 9.23
N ALA B 9 7.17 12.94 8.87
CA ALA B 9 8.48 13.45 8.51
C ALA B 9 8.45 14.30 7.23
N SER B 10 7.69 13.86 6.23
CA SER B 10 7.59 14.60 4.98
C SER B 10 6.94 15.95 5.19
N LEU B 11 5.82 15.96 5.92
CA LEU B 11 5.13 17.21 6.22
C LEU B 11 6.01 18.12 7.08
N THR B 12 6.72 17.54 8.05
CA THR B 12 7.55 18.35 8.93
C THR B 12 8.68 19.02 8.17
N SER B 13 9.31 18.27 7.28
CA SER B 13 10.48 18.78 6.57
C SER B 13 10.09 19.87 5.58
N LYS B 14 8.93 19.73 4.95
CA LYS B 14 8.54 20.60 3.85
C LYS B 14 7.78 21.87 4.27
N LEU B 15 6.89 21.73 5.24
CA LEU B 15 5.98 22.81 5.61
C LEU B 15 6.40 23.57 6.86
N LYS B 16 7.43 23.06 7.55
CA LYS B 16 7.90 23.66 8.81
C LYS B 16 6.78 24.00 9.79
N PRO B 17 5.88 23.03 10.09
CA PRO B 17 4.66 23.41 10.82
C PRO B 17 4.89 23.66 12.30
N ILE B 18 4.00 24.41 12.94
CA ILE B 18 4.05 24.60 14.40
C ILE B 18 3.12 23.65 15.14
N HIS B 19 2.22 23.01 14.40
CA HIS B 19 1.35 21.98 14.92
C HIS B 19 1.11 20.97 13.80
N LEU B 20 1.27 19.70 14.11
CA LEU B 20 1.05 18.64 13.13
C LEU B 20 0.42 17.43 13.80
N GLU B 21 -0.65 16.93 13.21
CA GLU B 21 -1.25 15.71 13.69
C GLU B 21 -1.48 14.80 12.49
N VAL B 22 -1.00 13.56 12.61
CA VAL B 22 -1.21 12.61 11.54
C VAL B 22 -1.81 11.34 12.17
N ILE B 23 -2.99 10.95 11.70
CA ILE B 23 -3.69 9.82 12.30
C ILE B 23 -4.02 8.76 11.24
N ASP B 24 -3.56 7.53 11.48
CA ASP B 24 -3.94 6.40 10.64
C ASP B 24 -5.42 6.11 10.86
N ILE B 25 -6.22 6.35 9.84
CA ILE B 25 -7.64 6.02 9.89
C ILE B 25 -7.95 4.77 9.08
N SER B 26 -6.94 3.92 8.89
CA SER B 26 -7.12 2.61 8.25
C SER B 26 -6.81 1.47 9.23
N GLY B 27 -7.06 1.70 10.51
CA GLY B 27 -6.89 0.67 11.52
C GLY B 27 -5.46 0.16 11.67
N GLY B 28 -4.49 1.04 11.51
CA GLY B 28 -3.09 0.65 11.65
C GLY B 28 -2.42 0.16 10.38
N CYS B 29 -3.15 0.16 9.27
CA CYS B 29 -2.63 -0.37 8.01
C CYS B 29 -1.62 0.53 7.29
N GLY B 30 -1.63 1.81 7.66
CA GLY B 30 -0.78 2.80 7.03
C GLY B 30 -1.21 3.14 5.62
N SER B 31 -2.48 2.91 5.30
CA SER B 31 -2.94 3.15 3.92
C SER B 31 -3.93 4.33 3.81
N SER B 32 -4.39 4.84 4.96
CA SER B 32 -5.31 5.97 4.99
C SER B 32 -4.99 6.87 6.18
N PHE B 33 -4.82 8.17 5.90
CA PHE B 33 -4.44 9.13 6.93
C PHE B 33 -5.33 10.37 6.95
N GLU B 34 -5.46 10.94 8.15
CA GLU B 34 -6.14 12.20 8.35
C GLU B 34 -5.08 13.12 8.93
N VAL B 35 -4.92 14.31 8.35
CA VAL B 35 -3.89 15.23 8.84
C VAL B 35 -4.45 16.60 9.26
N GLU B 36 -3.85 17.14 10.32
CA GLU B 36 -4.06 18.53 10.70
C GLU B 36 -2.69 19.17 10.63
N VAL B 37 -2.57 20.25 9.87
CA VAL B 37 -1.29 20.94 9.75
C VAL B 37 -1.46 22.44 9.91
N VAL B 38 -0.62 23.03 10.77
CA VAL B 38 -0.64 24.46 11.01
C VAL B 38 0.73 25.00 10.60
N SER B 39 0.75 25.88 9.59
CA SER B 39 2.01 26.44 9.10
C SER B 39 1.94 27.90 8.63
N GLU B 40 3.03 28.63 8.87
CA GLU B 40 3.17 30.03 8.44
C GLU B 40 3.09 30.13 6.92
N GLN B 41 3.50 29.07 6.24
CA GLN B 41 3.48 29.05 4.78
C GLN B 41 2.07 29.22 4.21
N PHE B 42 1.05 28.86 4.98
CA PHE B 42 -0.33 28.99 4.52
C PHE B 42 -0.84 30.45 4.48
N GLU B 43 -0.13 31.35 5.15
CA GLU B 43 -0.56 32.73 5.22
C GLU B 43 -0.65 33.37 3.83
N GLY B 44 -1.80 33.94 3.53
CA GLY B 44 -2.01 34.64 2.27
C GLY B 44 -2.52 33.71 1.18
N LYS B 45 -2.80 32.46 1.55
CA LYS B 45 -3.12 31.43 0.56
C LYS B 45 -4.51 30.84 0.79
N ARG B 46 -5.28 30.71 -0.29
CA ARG B 46 -6.59 30.09 -0.21
C ARG B 46 -6.48 28.59 -0.12
N LEU B 47 -7.62 27.93 0.09
CA LEU B 47 -7.61 26.51 0.44
C LEU B 47 -6.97 25.60 -0.59
N LEU B 48 -7.32 25.79 -1.87
CA LEU B 48 -6.76 24.93 -2.92
C LEU B 48 -5.24 24.94 -2.91
N GLU B 49 -4.65 26.13 -2.82
CA GLU B 49 -3.20 26.26 -2.81
C GLU B 49 -2.59 25.56 -1.58
N ARG B 50 -3.23 25.71 -0.42
CA ARG B 50 -2.81 24.98 0.77
C ARG B 50 -2.84 23.45 0.58
N HIS B 51 -3.88 22.93 -0.04
CA HIS B 51 -3.96 21.49 -0.33
C HIS B 51 -2.87 21.01 -1.27
N ARG B 52 -2.61 21.77 -2.33
CA ARG B 52 -1.54 21.42 -3.26
C ARG B 52 -0.17 21.41 -2.55
N MET B 53 0.03 22.29 -1.60
CA MET B 53 1.27 22.30 -0.82
C MET B 53 1.42 21.02 0.01
N VAL B 54 0.34 20.60 0.68
CA VAL B 54 0.31 19.33 1.41
C VAL B 54 0.56 18.12 0.49
N ASN B 55 -0.13 18.08 -0.64
CA ASN B 55 0.06 16.98 -1.60
C ASN B 55 1.50 16.90 -2.11
N ALA B 56 2.10 18.06 -2.38
CA ALA B 56 3.49 18.14 -2.85
C ALA B 56 4.48 17.72 -1.76
N ALA B 57 4.18 18.05 -0.52
CA ALA B 57 4.96 17.57 0.62
C ALA B 57 4.93 16.03 0.68
N LEU B 58 3.77 15.47 0.34
CA LEU B 58 3.57 14.02 0.36
C LEU B 58 3.63 13.41 -1.04
N GLU B 59 4.52 13.93 -1.88
CA GLU B 59 4.55 13.57 -3.30
C GLU B 59 4.68 12.07 -3.48
N GLU B 60 5.51 11.44 -2.66
CA GLU B 60 5.75 10.01 -2.80
C GLU B 60 4.70 9.17 -2.07
N GLU B 61 4.29 9.61 -0.89
CA GLU B 61 3.28 8.90 -0.12
C GLU B 61 1.94 8.79 -0.84
N MET B 62 1.56 9.86 -1.52
CA MET B 62 0.32 9.91 -2.30
C MET B 62 0.19 8.84 -3.41
N LYS B 63 1.31 8.36 -3.96
CA LYS B 63 1.25 7.38 -5.04
C LYS B 63 0.77 6.03 -4.52
N GLU B 64 0.82 5.85 -3.22
CA GLU B 64 0.71 4.55 -2.61
C GLU B 64 -0.55 4.36 -1.74
N ILE B 65 -0.93 5.41 -1.03
CA ILE B 65 -2.00 5.36 -0.03
C ILE B 65 -3.41 5.47 -0.62
N HIS B 66 -4.41 5.14 0.20
CA HIS B 66 -5.78 5.00 -0.27
C HIS B 66 -6.61 6.24 0.01
N ALA B 67 -6.25 6.96 1.08
CA ALA B 67 -6.97 8.16 1.48
C ALA B 67 -6.04 9.12 2.24
N LEU B 68 -6.21 10.39 1.94
CA LEU B 68 -5.56 11.44 2.70
C LEU B 68 -6.63 12.49 2.94
N SER B 69 -7.04 12.62 4.19
CA SER B 69 -8.08 13.54 4.57
C SER B 69 -7.41 14.74 5.24
N ILE B 70 -7.42 15.89 4.57
CA ILE B 70 -6.83 17.08 5.16
C ILE B 70 -7.91 17.74 6.00
N LYS B 71 -7.91 17.42 7.28
CA LYS B 71 -8.93 17.92 8.20
C LYS B 71 -8.74 19.40 8.46
N LYS B 72 -7.49 19.81 8.70
CA LYS B 72 -7.18 21.22 8.93
C LYS B 72 -5.91 21.63 8.19
N ALA B 73 -5.98 22.72 7.44
CA ALA B 73 -4.80 23.35 6.87
C ALA B 73 -4.87 24.81 7.29
N GLN B 74 -4.25 25.14 8.41
CA GLN B 74 -4.48 26.44 9.05
C GLN B 74 -3.22 27.30 9.23
N THR B 75 -3.41 28.62 9.29
CA THR B 75 -2.34 29.53 9.67
C THR B 75 -2.21 29.46 11.19
N PRO B 76 -1.11 29.97 11.74
CA PRO B 76 -1.00 30.06 13.20
C PRO B 76 -2.16 30.84 13.83
N GLN B 77 -2.63 31.88 13.15
CA GLN B 77 -3.68 32.74 13.70
C GLN B 77 -5.05 32.02 13.74
N GLN B 78 -5.27 31.14 12.77
CA GLN B 78 -6.45 30.27 12.77
C GLN B 78 -6.37 29.21 13.85
N TRP B 79 -5.16 28.72 14.10
CA TRP B 79 -4.97 27.65 15.09
C TRP B 79 -5.22 28.19 16.49
N LYS B 80 -4.70 29.39 16.75
CA LYS B 80 -4.85 30.05 18.04
C LYS B 80 -5.47 31.45 17.91
N PRO B 81 -6.80 31.51 17.71
CA PRO B 81 -7.52 32.80 17.63
C PRO B 81 -7.43 33.56 18.96
N PRO B 82 -7.41 34.90 18.90
CA PRO B 82 -7.33 35.72 20.12
C PRO B 82 -8.50 35.44 21.07
#